data_6UEJ
#
_entry.id   6UEJ
#
_cell.length_a   123.090
_cell.length_b   123.090
_cell.length_c   40.670
_cell.angle_alpha   90.000
_cell.angle_beta   90.000
_cell.angle_gamma   120.000
#
_symmetry.space_group_name_H-M   'P 65'
#
loop_
_entity.id
_entity.type
_entity.pdbx_description
1 polymer 'Zinc finger CCCH-type antiviral protein 1'
2 polymer "RNA (5'-R(P*UP*CP*G)-3')"
3 non-polymer 'ZINC ION'
4 non-polymer SPERMINE
5 water water
#
loop_
_entity_poly.entity_id
_entity_poly.type
_entity_poly.pdbx_seq_one_letter_code
_entity_poly.pdbx_strand_id
1 'polypeptide(L)'
;SNAADPEVCCFITKILCAHGGRMALDALLQEIALSEPQLCEVLQVAGPDRFVVLETGGEAGITRSVVATTRARVCRRKYC
QRPCDNLHLCKLNLLGRCNYSQSERNLCKYSHEVLSEENFKVLKNHELSGLNKEELAVLLLQSDPFFMPEICKSYKGEGR
QQICNQQPPCSRLHICDHFTRGNCRFPNCLRSHNLMDRKVLAIMREHGLNPDVVQNIQDICNSKHMQKN
;
A
2 'polyribonucleotide' UCG B
#
# COMPACT_ATOMS: atom_id res chain seq x y z
N ALA A 4 -15.61 -6.31 11.82
CA ALA A 4 -16.72 -7.12 11.31
C ALA A 4 -17.69 -6.32 10.44
N ASP A 5 -18.29 -5.23 11.00
CA ASP A 5 -19.24 -4.36 10.30
C ASP A 5 -18.56 -3.63 9.12
N PRO A 6 -18.97 -3.91 7.85
CA PRO A 6 -18.30 -3.28 6.71
C PRO A 6 -18.45 -1.78 6.64
N GLU A 7 -19.59 -1.24 7.15
CA GLU A 7 -19.85 0.20 7.15
C GLU A 7 -18.94 0.90 8.14
N VAL A 8 -18.72 0.29 9.32
CA VAL A 8 -17.84 0.85 10.35
C VAL A 8 -16.38 0.72 9.85
N CYS A 9 -16.02 -0.42 9.24
CA CYS A 9 -14.69 -0.66 8.67
C CYS A 9 -14.32 0.33 7.58
N CYS A 10 -15.23 0.55 6.61
CA CYS A 10 -15.03 1.49 5.50
C CYS A 10 -14.85 2.88 6.05
N PHE A 11 -15.62 3.21 7.10
CA PHE A 11 -15.55 4.49 7.77
C PHE A 11 -14.17 4.70 8.43
N ILE A 12 -13.61 3.65 9.03
CA ILE A 12 -12.26 3.73 9.64
C ILE A 12 -11.22 3.95 8.53
N THR A 13 -11.30 3.18 7.42
CA THR A 13 -10.39 3.31 6.27
C THR A 13 -10.39 4.77 5.75
N LYS A 14 -11.60 5.34 5.63
CA LYS A 14 -11.85 6.70 5.16
C LYS A 14 -11.14 7.74 6.03
N ILE A 15 -11.38 7.71 7.35
CA ILE A 15 -10.75 8.61 8.33
C ILE A 15 -9.22 8.46 8.27
N LEU A 16 -8.72 7.22 8.18
CA LEU A 16 -7.27 6.94 8.09
C LEU A 16 -6.66 7.53 6.82
N CYS A 17 -7.31 7.30 5.66
CA CYS A 17 -6.84 7.83 4.38
C CYS A 17 -6.88 9.38 4.31
N ALA A 18 -7.79 10.03 5.08
CA ALA A 18 -7.88 11.48 5.13
C ALA A 18 -6.72 12.06 5.92
N HIS A 19 -6.10 11.25 6.80
CA HIS A 19 -4.97 11.68 7.61
C HIS A 19 -3.65 11.07 7.13
N GLY A 20 -3.58 10.77 5.84
CA GLY A 20 -2.37 10.22 5.22
C GLY A 20 -2.09 8.74 5.44
N GLY A 21 -3.16 7.95 5.60
CA GLY A 21 -3.09 6.49 5.76
C GLY A 21 -2.67 5.98 7.12
N ARG A 22 -2.41 6.89 8.06
CA ARG A 22 -2.01 6.56 9.42
C ARG A 22 -2.56 7.58 10.42
N MET A 23 -2.89 7.11 11.63
CA MET A 23 -3.34 7.91 12.76
C MET A 23 -2.95 7.25 14.06
N ALA A 24 -2.75 8.05 15.12
CA ALA A 24 -2.50 7.51 16.46
C ALA A 24 -3.86 7.01 16.92
N LEU A 25 -3.91 5.93 17.73
CA LEU A 25 -5.19 5.36 18.17
C LEU A 25 -6.12 6.37 18.86
N ASP A 26 -5.54 7.32 19.64
CA ASP A 26 -6.22 8.39 20.37
C ASP A 26 -6.90 9.39 19.43
N ALA A 27 -6.19 9.79 18.36
CA ALA A 27 -6.72 10.73 17.36
C ALA A 27 -7.84 10.06 16.55
N LEU A 28 -7.73 8.73 16.32
CA LEU A 28 -8.73 7.94 15.59
C LEU A 28 -10.02 7.83 16.42
N LEU A 29 -9.89 7.56 17.73
CA LEU A 29 -11.01 7.48 18.68
C LEU A 29 -11.85 8.75 18.71
N GLN A 30 -11.19 9.92 18.61
CA GLN A 30 -11.79 11.26 18.57
C GLN A 30 -12.65 11.48 17.31
N GLU A 31 -12.37 10.76 16.21
CA GLU A 31 -13.10 10.90 14.94
C GLU A 31 -14.21 9.87 14.72
N ILE A 32 -14.02 8.63 15.20
CA ILE A 32 -14.97 7.53 15.03
C ILE A 32 -16.06 7.54 16.13
N ALA A 33 -15.74 8.11 17.32
CA ALA A 33 -16.61 8.24 18.49
C ALA A 33 -17.05 6.88 19.07
N LEU A 34 -16.07 5.98 19.24
CA LEU A 34 -16.20 4.67 19.85
C LEU A 34 -15.25 4.65 21.05
N SER A 35 -15.32 3.59 21.89
CA SER A 35 -14.44 3.42 23.05
C SER A 35 -13.20 2.65 22.61
N GLU A 36 -12.10 2.70 23.39
CA GLU A 36 -10.85 2.00 23.06
C GLU A 36 -11.03 0.49 22.80
N PRO A 37 -11.59 -0.37 23.69
CA PRO A 37 -11.72 -1.79 23.34
C PRO A 37 -12.83 -2.11 22.31
N GLN A 38 -13.78 -1.17 22.12
CA GLN A 38 -14.87 -1.25 21.14
C GLN A 38 -14.27 -1.11 19.72
N LEU A 39 -13.35 -0.11 19.53
CA LEU A 39 -12.63 0.13 18.28
C LEU A 39 -11.65 -1.01 18.04
N CYS A 40 -10.92 -1.41 19.11
CA CYS A 40 -9.94 -2.48 19.10
C CYS A 40 -10.57 -3.81 18.67
N GLU A 41 -11.85 -4.03 19.03
CA GLU A 41 -12.62 -5.22 18.63
C GLU A 41 -12.79 -5.21 17.11
N VAL A 42 -13.30 -4.08 16.54
CA VAL A 42 -13.49 -3.88 15.10
C VAL A 42 -12.16 -4.12 14.35
N LEU A 43 -11.06 -3.42 14.76
CA LEU A 43 -9.73 -3.55 14.14
C LEU A 43 -9.20 -4.99 14.14
N GLN A 44 -9.34 -5.70 15.29
CA GLN A 44 -8.89 -7.08 15.47
C GLN A 44 -9.68 -8.04 14.60
N VAL A 45 -11.01 -7.86 14.54
CA VAL A 45 -11.91 -8.70 13.75
C VAL A 45 -11.65 -8.49 12.25
N ALA A 46 -11.51 -7.21 11.80
CA ALA A 46 -11.19 -6.85 10.41
C ALA A 46 -9.85 -7.49 9.99
N GLY A 47 -8.88 -7.46 10.90
CA GLY A 47 -7.58 -8.07 10.70
C GLY A 47 -6.53 -7.23 10.01
N PRO A 48 -5.28 -7.74 9.94
CA PRO A 48 -4.18 -6.97 9.32
C PRO A 48 -4.28 -6.73 7.81
N ASP A 49 -5.25 -7.39 7.12
CA ASP A 49 -5.48 -7.18 5.69
C ASP A 49 -6.23 -5.86 5.47
N ARG A 50 -6.78 -5.27 6.55
CA ARG A 50 -7.48 -4.00 6.49
C ARG A 50 -6.79 -2.93 7.33
N PHE A 51 -6.31 -3.30 8.54
CA PHE A 51 -5.69 -2.37 9.49
C PHE A 51 -4.50 -2.99 10.18
N VAL A 52 -3.36 -2.31 10.11
CA VAL A 52 -2.12 -2.74 10.78
C VAL A 52 -2.01 -1.86 12.03
N VAL A 53 -2.02 -2.50 13.20
CA VAL A 53 -1.93 -1.81 14.49
C VAL A 53 -0.52 -2.01 15.06
N LEU A 54 0.22 -0.90 15.28
CA LEU A 54 1.55 -1.05 15.86
C LEU A 54 1.69 -0.26 17.20
N GLU A 55 2.75 -0.58 17.99
CA GLU A 55 3.01 0.02 19.30
C GLU A 55 4.16 1.04 19.26
N ILE A 62 3.72 2.86 25.66
CA ILE A 62 2.87 2.17 24.68
C ILE A 62 1.99 3.15 23.89
N THR A 63 2.54 3.72 22.79
CA THR A 63 1.85 4.66 21.90
C THR A 63 1.39 3.90 20.65
N ARG A 64 0.07 3.66 20.52
CA ARG A 64 -0.46 2.88 19.40
C ARG A 64 -0.86 3.71 18.18
N SER A 65 -0.52 3.20 16.98
CA SER A 65 -0.86 3.78 15.67
C SER A 65 -1.57 2.74 14.81
N VAL A 66 -2.47 3.21 13.93
CA VAL A 66 -3.24 2.37 13.01
C VAL A 66 -2.87 2.75 11.58
N VAL A 67 -2.52 1.76 10.75
CA VAL A 67 -2.18 1.97 9.34
C VAL A 67 -3.20 1.27 8.45
N ALA A 68 -3.81 2.03 7.53
CA ALA A 68 -4.79 1.49 6.57
C ALA A 68 -4.12 0.68 5.47
N THR A 69 -4.75 -0.44 5.12
CA THR A 69 -4.26 -1.28 4.02
C THR A 69 -5.44 -1.97 3.35
N THR A 70 -5.17 -2.76 2.32
CA THR A 70 -6.18 -3.46 1.55
C THR A 70 -5.52 -4.58 0.74
N ARG A 71 -6.35 -5.56 0.31
CA ARG A 71 -5.95 -6.66 -0.57
C ARG A 71 -6.21 -6.23 -2.04
N ALA A 72 -6.91 -5.08 -2.27
CA ALA A 72 -7.18 -4.61 -3.64
C ALA A 72 -5.90 -4.22 -4.36
N ARG A 73 -5.79 -4.65 -5.62
CA ARG A 73 -4.63 -4.39 -6.46
C ARG A 73 -5.04 -3.86 -7.81
N VAL A 74 -4.14 -3.11 -8.42
CA VAL A 74 -4.25 -2.59 -9.77
C VAL A 74 -3.64 -3.65 -10.69
N CYS A 75 -4.39 -4.01 -11.74
CA CYS A 75 -3.96 -4.91 -12.79
C CYS A 75 -2.64 -4.37 -13.38
N ARG A 76 -1.62 -5.25 -13.52
CA ARG A 76 -0.30 -4.87 -14.04
C ARG A 76 -0.13 -5.00 -15.55
N ARG A 77 -1.07 -5.68 -16.24
CA ARG A 77 -0.99 -5.89 -17.70
C ARG A 77 -1.16 -4.58 -18.48
N LYS A 78 -0.46 -4.46 -19.59
CA LYS A 78 -0.55 -3.34 -20.51
C LYS A 78 -1.91 -3.38 -21.23
N TYR A 79 -2.35 -4.60 -21.63
CA TYR A 79 -3.60 -4.84 -22.37
C TYR A 79 -4.28 -6.03 -21.71
N CYS A 80 -5.27 -5.77 -20.88
CA CYS A 80 -5.91 -6.85 -20.16
C CYS A 80 -7.22 -7.33 -20.80
N GLN A 81 -7.29 -8.64 -21.07
CA GLN A 81 -8.49 -9.32 -21.55
C GLN A 81 -9.45 -9.54 -20.40
N ARG A 82 -10.58 -8.83 -20.45
CA ARG A 82 -11.66 -8.92 -19.47
C ARG A 82 -12.36 -10.30 -19.60
N PRO A 83 -12.95 -10.89 -18.52
CA PRO A 83 -13.05 -10.37 -17.14
C PRO A 83 -11.74 -10.48 -16.34
N CYS A 84 -11.54 -9.53 -15.43
CA CYS A 84 -10.37 -9.44 -14.57
C CYS A 84 -10.86 -8.86 -13.25
N ASP A 85 -10.48 -9.50 -12.14
CA ASP A 85 -10.88 -9.13 -10.78
C ASP A 85 -10.09 -7.97 -10.15
N ASN A 86 -9.11 -7.40 -10.87
CA ASN A 86 -8.32 -6.28 -10.36
C ASN A 86 -8.86 -4.92 -10.82
N LEU A 87 -8.33 -3.82 -10.27
CA LEU A 87 -8.70 -2.47 -10.68
C LEU A 87 -7.95 -2.19 -11.95
N HIS A 88 -8.51 -1.33 -12.82
CA HIS A 88 -7.85 -0.92 -14.04
C HIS A 88 -7.83 0.59 -14.02
N LEU A 89 -6.65 1.13 -13.85
CA LEU A 89 -6.45 2.57 -13.82
C LEU A 89 -5.02 2.92 -14.11
N CYS A 90 -4.84 4.19 -14.51
CA CYS A 90 -3.56 4.81 -14.73
C CYS A 90 -3.11 5.29 -13.38
N LYS A 91 -2.01 4.72 -12.91
CA LYS A 91 -1.38 5.09 -11.65
C LYS A 91 -1.00 6.58 -11.68
N LEU A 92 -0.35 7.03 -12.77
CA LEU A 92 0.09 8.41 -12.96
C LEU A 92 -1.09 9.37 -12.82
N ASN A 93 -2.25 9.06 -13.48
CA ASN A 93 -3.46 9.88 -13.37
C ASN A 93 -4.01 9.88 -11.96
N LEU A 94 -4.12 8.68 -11.32
CA LEU A 94 -4.58 8.53 -9.92
C LEU A 94 -3.77 9.44 -8.97
N LEU A 95 -2.49 9.66 -9.28
CA LEU A 95 -1.58 10.52 -8.52
C LEU A 95 -1.53 12.00 -9.03
N GLY A 96 -2.20 12.26 -10.16
CA GLY A 96 -2.33 13.58 -10.79
C GLY A 96 -1.14 14.01 -11.63
N ARG A 97 -0.38 13.03 -12.15
CA ARG A 97 0.86 13.20 -12.90
C ARG A 97 0.87 12.56 -14.29
N CYS A 98 -0.31 12.27 -14.90
CA CYS A 98 -0.28 11.66 -16.23
C CYS A 98 -0.05 12.69 -17.34
N ASN A 99 1.21 12.80 -17.80
CA ASN A 99 1.64 13.73 -18.84
C ASN A 99 1.65 13.11 -20.25
N TYR A 100 0.69 12.20 -20.53
CA TYR A 100 0.55 11.51 -21.81
C TYR A 100 -0.82 11.76 -22.47
N SER A 101 -1.92 11.74 -21.66
CA SER A 101 -3.31 11.94 -22.08
C SER A 101 -3.54 13.23 -22.90
N ASN A 106 -1.93 12.19 -28.33
CA ASN A 106 -1.87 10.78 -27.93
C ASN A 106 -2.77 10.49 -26.70
N LEU A 107 -3.34 9.27 -26.67
CA LEU A 107 -4.20 8.79 -25.59
C LEU A 107 -3.50 7.69 -24.74
N CYS A 108 -3.56 7.85 -23.40
CA CYS A 108 -2.97 6.93 -22.44
C CYS A 108 -3.70 5.59 -22.54
N LYS A 109 -2.97 4.45 -22.56
CA LYS A 109 -3.64 3.13 -22.67
C LYS A 109 -4.31 2.67 -21.35
N TYR A 110 -4.14 3.43 -20.25
CA TYR A 110 -4.73 3.08 -18.94
C TYR A 110 -5.86 4.03 -18.57
N SER A 111 -6.92 3.52 -17.92
CA SER A 111 -8.09 4.34 -17.58
C SER A 111 -7.82 5.52 -16.65
N HIS A 112 -8.46 6.66 -17.01
CA HIS A 112 -8.42 7.91 -16.27
C HIS A 112 -9.71 8.07 -15.48
N GLU A 113 -10.60 7.08 -15.57
CA GLU A 113 -11.83 7.01 -14.81
C GLU A 113 -11.54 6.12 -13.60
N VAL A 114 -11.02 6.72 -12.50
CA VAL A 114 -10.67 6.03 -11.24
C VAL A 114 -11.85 5.20 -10.72
N LEU A 115 -13.02 5.84 -10.55
CA LEU A 115 -14.21 5.15 -10.07
C LEU A 115 -15.13 4.74 -11.21
N SER A 116 -14.57 4.06 -12.21
CA SER A 116 -15.32 3.52 -13.34
C SER A 116 -16.30 2.47 -12.83
N GLU A 117 -17.24 2.05 -13.67
CA GLU A 117 -18.23 1.03 -13.32
C GLU A 117 -17.52 -0.27 -12.93
N GLU A 118 -16.50 -0.69 -13.71
CA GLU A 118 -15.74 -1.91 -13.43
C GLU A 118 -14.93 -1.82 -12.14
N ASN A 119 -14.32 -0.65 -11.83
CA ASN A 119 -13.54 -0.45 -10.61
C ASN A 119 -14.41 -0.42 -9.41
N PHE A 120 -15.61 0.22 -9.56
CA PHE A 120 -16.60 0.29 -8.49
C PHE A 120 -16.99 -1.12 -8.03
N LYS A 121 -17.19 -2.07 -8.98
CA LYS A 121 -17.50 -3.48 -8.63
C LYS A 121 -16.34 -4.11 -7.84
N VAL A 122 -15.08 -3.87 -8.28
CA VAL A 122 -13.90 -4.42 -7.58
C VAL A 122 -13.86 -3.90 -6.15
N LEU A 123 -14.12 -2.60 -5.96
CA LEU A 123 -14.16 -1.96 -4.65
C LEU A 123 -15.22 -2.56 -3.74
N LYS A 124 -16.41 -2.90 -4.27
CA LYS A 124 -17.47 -3.54 -3.47
C LYS A 124 -17.00 -4.89 -2.93
N ASN A 125 -16.25 -5.68 -3.76
CA ASN A 125 -15.69 -6.98 -3.37
C ASN A 125 -14.70 -6.84 -2.19
N HIS A 126 -13.98 -5.71 -2.12
CA HIS A 126 -13.00 -5.41 -1.06
C HIS A 126 -13.57 -4.53 0.03
N GLU A 127 -14.88 -4.23 -0.06
CA GLU A 127 -15.64 -3.41 0.88
C GLU A 127 -15.09 -1.97 0.95
N LEU A 128 -14.67 -1.41 -0.21
CA LEU A 128 -14.11 -0.06 -0.33
C LEU A 128 -14.93 0.85 -1.26
N SER A 129 -16.17 0.46 -1.68
CA SER A 129 -16.98 1.26 -2.60
C SER A 129 -17.41 2.64 -2.07
N GLY A 130 -17.30 2.87 -0.77
CA GLY A 130 -17.62 4.16 -0.14
C GLY A 130 -16.49 5.19 -0.32
N LEU A 131 -15.30 4.76 -0.79
CA LEU A 131 -14.14 5.64 -0.96
C LEU A 131 -14.29 6.59 -2.17
N ASN A 132 -13.72 7.79 -2.07
CA ASN A 132 -13.62 8.73 -3.18
C ASN A 132 -12.20 8.48 -3.83
N LYS A 133 -11.84 9.17 -4.93
CA LYS A 133 -10.56 8.91 -5.61
C LYS A 133 -9.31 9.31 -4.80
N GLU A 134 -9.41 10.33 -3.93
CA GLU A 134 -8.30 10.83 -3.10
C GLU A 134 -7.92 9.81 -2.05
N GLU A 135 -8.93 9.21 -1.39
CA GLU A 135 -8.74 8.20 -0.36
C GLU A 135 -8.18 6.94 -1.03
N LEU A 136 -8.69 6.59 -2.20
CA LEU A 136 -8.20 5.42 -2.92
C LEU A 136 -6.71 5.55 -3.29
N ALA A 137 -6.27 6.77 -3.70
CA ALA A 137 -4.88 7.08 -4.04
C ALA A 137 -3.97 6.86 -2.84
N VAL A 138 -4.36 7.34 -1.63
CA VAL A 138 -3.60 7.19 -0.39
C VAL A 138 -3.43 5.69 -0.06
N LEU A 139 -4.55 4.96 -0.02
CA LEU A 139 -4.64 3.53 0.24
C LEU A 139 -3.77 2.70 -0.69
N LEU A 140 -3.97 2.83 -2.01
CA LEU A 140 -3.21 2.08 -3.00
C LEU A 140 -1.70 2.37 -3.01
N LEU A 141 -1.30 3.64 -2.79
CA LEU A 141 0.10 4.07 -2.78
C LEU A 141 0.92 3.32 -1.72
N GLN A 142 0.29 3.06 -0.57
CA GLN A 142 0.95 2.36 0.51
C GLN A 142 0.64 0.87 0.61
N SER A 143 -0.32 0.36 -0.18
CA SER A 143 -0.76 -1.06 -0.11
C SER A 143 -0.40 -1.87 -1.32
N ASP A 144 -0.43 -1.26 -2.51
CA ASP A 144 -0.17 -1.96 -3.75
C ASP A 144 1.30 -1.83 -4.17
N PRO A 145 2.07 -2.98 -4.22
CA PRO A 145 3.51 -2.90 -4.58
C PRO A 145 3.80 -2.38 -5.99
N PHE A 146 2.80 -2.42 -6.86
CA PHE A 146 2.90 -1.91 -8.23
C PHE A 146 3.17 -0.38 -8.25
N PHE A 147 2.86 0.33 -7.17
CA PHE A 147 3.12 1.77 -7.01
C PHE A 147 4.57 2.08 -6.59
N MET A 148 5.32 1.05 -6.20
CA MET A 148 6.71 1.19 -5.79
C MET A 148 7.68 1.24 -6.96
N PRO A 149 8.84 1.94 -6.79
CA PRO A 149 9.86 1.95 -7.86
C PRO A 149 10.32 0.54 -8.20
N GLU A 150 10.88 0.35 -9.39
CA GLU A 150 11.40 -0.94 -9.82
C GLU A 150 12.53 -1.43 -8.89
N ILE A 151 12.54 -2.73 -8.64
CA ILE A 151 13.53 -3.41 -7.82
C ILE A 151 14.58 -4.01 -8.77
N CYS A 152 15.88 -3.80 -8.47
CA CYS A 152 17.03 -4.31 -9.24
C CYS A 152 17.00 -5.83 -9.26
N LYS A 153 16.83 -6.40 -10.46
CA LYS A 153 16.74 -7.85 -10.67
C LYS A 153 18.07 -8.58 -10.46
N SER A 154 19.20 -7.85 -10.54
CA SER A 154 20.54 -8.43 -10.34
C SER A 154 21.03 -8.32 -8.87
N TYR A 155 20.15 -7.82 -7.97
CA TYR A 155 20.41 -7.70 -6.53
C TYR A 155 20.11 -9.05 -5.88
N LYS A 156 21.07 -9.57 -5.09
CA LYS A 156 20.94 -10.89 -4.45
C LYS A 156 21.27 -10.93 -2.94
N GLY A 157 21.52 -9.76 -2.35
CA GLY A 157 21.87 -9.66 -0.93
C GLY A 157 23.00 -8.69 -0.66
N GLU A 158 23.19 -8.37 0.64
CA GLU A 158 24.14 -7.36 1.12
C GLU A 158 25.63 -7.75 1.27
N GLY A 159 25.94 -9.01 1.60
CA GLY A 159 27.32 -9.44 1.77
C GLY A 159 27.98 -10.09 0.57
N ARG A 160 27.87 -9.47 -0.61
CA ARG A 160 28.45 -10.00 -1.86
C ARG A 160 29.53 -9.10 -2.45
N GLN A 161 30.16 -9.58 -3.54
CA GLN A 161 31.21 -8.92 -4.31
C GLN A 161 30.62 -7.68 -5.01
N GLN A 162 29.50 -7.90 -5.73
CA GLN A 162 28.70 -6.89 -6.45
C GLN A 162 27.30 -6.83 -5.81
N ILE A 163 26.81 -5.62 -5.52
CA ILE A 163 25.44 -5.45 -5.01
C ILE A 163 24.46 -5.70 -6.17
N CYS A 164 24.88 -5.33 -7.41
CA CYS A 164 24.15 -5.53 -8.66
C CYS A 164 25.11 -5.56 -9.88
N ASN A 165 24.57 -5.71 -11.11
CA ASN A 165 25.33 -5.77 -12.36
C ASN A 165 26.00 -4.43 -12.78
N GLN A 166 25.59 -3.28 -12.17
CA GLN A 166 26.13 -1.94 -12.47
C GLN A 166 26.19 -1.04 -11.21
N CYS A 170 23.15 0.73 -10.55
CA CYS A 170 21.96 1.25 -11.22
C CYS A 170 21.08 2.15 -10.31
N SER A 171 19.96 2.64 -10.88
CA SER A 171 18.99 3.53 -10.24
C SER A 171 17.87 2.82 -9.44
N ARG A 172 17.63 1.52 -9.68
CA ARG A 172 16.58 0.70 -9.04
C ARG A 172 16.84 0.40 -7.54
N LEU A 173 15.84 -0.16 -6.85
CA LEU A 173 15.87 -0.53 -5.43
C LEU A 173 16.65 -1.80 -5.15
N HIS A 174 17.56 -1.73 -4.17
CA HIS A 174 18.36 -2.86 -3.70
C HIS A 174 17.75 -3.34 -2.41
N ILE A 175 16.60 -4.02 -2.58
CA ILE A 175 15.69 -4.47 -1.55
C ILE A 175 15.16 -5.87 -1.90
N CYS A 176 14.71 -6.64 -0.88
CA CYS A 176 14.11 -7.96 -1.09
C CYS A 176 12.74 -7.77 -1.78
N ASP A 177 12.59 -8.36 -2.97
CA ASP A 177 11.39 -8.33 -3.79
C ASP A 177 10.22 -9.02 -3.10
N HIS A 178 10.47 -10.23 -2.59
CA HIS A 178 9.47 -11.04 -1.90
C HIS A 178 8.91 -10.39 -0.64
N PHE A 179 9.75 -9.61 0.07
CA PHE A 179 9.34 -8.88 1.25
C PHE A 179 8.24 -7.84 0.89
N THR A 180 8.42 -7.11 -0.22
CA THR A 180 7.47 -6.10 -0.71
C THR A 180 6.12 -6.72 -1.15
N ARG A 181 6.11 -8.03 -1.49
CA ARG A 181 4.94 -8.79 -1.95
C ARG A 181 4.34 -9.60 -0.81
N GLY A 182 4.94 -9.51 0.37
CA GLY A 182 4.47 -10.20 1.56
C GLY A 182 4.78 -11.68 1.61
N ASN A 183 5.74 -12.17 0.80
CA ASN A 183 6.07 -13.61 0.79
C ASN A 183 7.58 -13.93 0.94
N CYS A 184 8.34 -13.16 1.77
CA CYS A 184 9.74 -13.50 1.99
C CYS A 184 9.78 -14.68 2.96
N ARG A 185 10.12 -15.83 2.38
CA ARG A 185 10.24 -17.17 2.98
C ARG A 185 11.41 -17.31 3.97
N PHE A 186 12.52 -16.58 3.72
CA PHE A 186 13.73 -16.57 4.54
C PHE A 186 13.54 -15.83 5.88
N PRO A 187 13.74 -16.53 7.04
CA PRO A 187 13.58 -15.84 8.33
C PRO A 187 14.76 -14.91 8.66
N ASN A 188 16.00 -15.33 8.28
CA ASN A 188 17.24 -14.54 8.41
C ASN A 188 17.67 -14.19 6.97
N CYS A 189 16.85 -13.36 6.29
CA CYS A 189 17.06 -12.94 4.90
C CYS A 189 18.20 -11.95 4.82
N LEU A 190 19.07 -12.12 3.82
CA LEU A 190 20.21 -11.23 3.69
C LEU A 190 19.98 -10.12 2.65
N ARG A 191 18.78 -10.13 2.02
CA ARG A 191 18.32 -9.06 1.12
C ARG A 191 17.61 -8.07 2.04
N SER A 192 17.91 -6.79 1.89
CA SER A 192 17.39 -5.73 2.74
C SER A 192 15.85 -5.64 2.80
N HIS A 193 15.32 -5.48 4.02
CA HIS A 193 13.90 -5.33 4.33
C HIS A 193 13.69 -3.92 4.89
N ASN A 194 14.76 -3.13 4.88
CA ASN A 194 14.72 -1.79 5.43
C ASN A 194 14.51 -0.77 4.33
N LEU A 195 13.26 -0.29 4.22
CA LEU A 195 12.84 0.72 3.24
C LEU A 195 13.11 2.11 3.81
N MET A 196 13.40 2.20 5.11
CA MET A 196 13.70 3.47 5.79
C MET A 196 15.19 3.91 5.65
N ASP A 197 15.95 3.23 4.77
CA ASP A 197 17.34 3.56 4.48
C ASP A 197 17.39 4.78 3.56
N ARG A 198 18.30 5.74 3.86
CA ARG A 198 18.50 7.01 3.15
C ARG A 198 18.51 6.88 1.62
N LYS A 199 19.25 5.87 1.09
CA LYS A 199 19.36 5.57 -0.33
C LYS A 199 17.99 5.17 -0.92
N VAL A 200 17.22 4.27 -0.22
CA VAL A 200 15.87 3.81 -0.59
C VAL A 200 14.92 5.01 -0.57
N LEU A 201 14.93 5.80 0.54
CA LEU A 201 14.11 7.01 0.69
C LEU A 201 14.35 8.02 -0.41
N ALA A 202 15.61 8.09 -0.91
CA ALA A 202 15.98 8.99 -2.01
C ALA A 202 15.32 8.53 -3.33
N ILE A 203 15.37 7.22 -3.62
CA ILE A 203 14.74 6.62 -4.81
C ILE A 203 13.17 6.71 -4.71
N MET A 204 12.62 6.48 -3.50
CA MET A 204 11.17 6.58 -3.22
C MET A 204 10.70 8.00 -3.47
N ARG A 205 11.41 9.00 -2.91
CA ARG A 205 11.11 10.43 -3.05
C ARG A 205 11.04 10.88 -4.51
N GLU A 206 12.00 10.42 -5.34
CA GLU A 206 12.05 10.72 -6.77
C GLU A 206 10.90 10.04 -7.54
N HIS A 207 10.36 8.94 -6.99
CA HIS A 207 9.24 8.21 -7.58
C HIS A 207 7.87 8.79 -7.11
N GLY A 208 7.91 9.71 -6.15
CA GLY A 208 6.73 10.40 -5.63
C GLY A 208 6.18 9.86 -4.32
N LEU A 209 6.98 9.04 -3.61
CA LEU A 209 6.58 8.47 -2.32
C LEU A 209 7.44 9.10 -1.22
N ASN A 210 6.82 9.90 -0.32
CA ASN A 210 7.52 10.60 0.75
C ASN A 210 7.84 9.65 1.93
N PRO A 211 8.71 10.01 2.92
CA PRO A 211 9.05 9.04 3.99
C PRO A 211 7.90 8.57 4.89
N ASP A 212 6.82 9.37 5.00
CA ASP A 212 5.64 8.99 5.79
C ASP A 212 4.93 7.82 5.12
N VAL A 213 4.82 7.86 3.78
CA VAL A 213 4.25 6.82 2.93
C VAL A 213 5.12 5.56 3.01
N VAL A 214 6.46 5.72 2.90
CA VAL A 214 7.43 4.62 2.97
C VAL A 214 7.36 3.94 4.34
N GLN A 215 7.18 4.73 5.42
CA GLN A 215 7.04 4.20 6.78
C GLN A 215 5.80 3.30 6.87
N ASN A 216 4.67 3.74 6.28
CA ASN A 216 3.43 2.95 6.22
C ASN A 216 3.68 1.62 5.48
N ILE A 217 4.36 1.69 4.32
CA ILE A 217 4.74 0.51 3.51
C ILE A 217 5.61 -0.43 4.33
N GLN A 218 6.58 0.16 5.05
CA GLN A 218 7.47 -0.58 5.95
C GLN A 218 6.64 -1.35 6.99
N ASP A 219 5.74 -0.67 7.70
CA ASP A 219 4.93 -1.32 8.75
C ASP A 219 3.91 -2.35 8.20
N ILE A 220 3.42 -2.16 6.96
CA ILE A 220 2.50 -3.11 6.32
C ILE A 220 3.32 -4.33 5.94
N CYS A 221 4.47 -4.12 5.28
CA CYS A 221 5.37 -5.20 4.87
C CYS A 221 5.94 -5.95 6.06
N ASN A 222 6.20 -5.28 7.19
CA ASN A 222 6.67 -5.93 8.42
C ASN A 222 5.59 -6.88 8.92
N SER A 223 4.32 -6.40 8.96
CA SER A 223 3.14 -7.14 9.41
C SER A 223 2.90 -8.39 8.59
N LYS A 224 3.01 -8.30 7.24
CA LYS A 224 2.84 -9.41 6.30
C LYS A 224 3.92 -10.49 6.50
N HIS A 225 5.13 -10.09 6.95
CA HIS A 225 6.30 -10.93 7.20
C HIS A 225 6.13 -11.75 8.49
N MET A 226 5.53 -11.14 9.55
CA MET A 226 5.25 -11.77 10.85
C MET A 226 4.00 -12.69 10.82
N GLN A 227 3.18 -12.59 9.75
CA GLN A 227 1.97 -13.42 9.56
C GLN A 227 2.16 -14.46 8.41
N LYS A 228 3.43 -14.82 8.11
CA LYS A 228 3.87 -15.78 7.07
C LYS A 228 3.28 -15.50 5.68
#